data_5FF3
#
_entry.id   5FF3
#
_cell.length_a   51.000
_cell.length_b   79.190
_cell.length_c   86.240
_cell.angle_alpha   90.00
_cell.angle_beta   90.00
_cell.angle_gamma   90.00
#
_symmetry.space_group_name_H-M   'P 21 21 21'
#
loop_
_entity.id
_entity.type
_entity.pdbx_description
1 polymer '[FeFe] hydrogenase maturase subunit HydE'
2 non-polymer 'IRON/SULFUR CLUSTER'
3 non-polymer 3-[(3-CHOLAMIDOPROPYL)DIMETHYLAMMONIO]-1-PROPANESULFONATE
4 non-polymer 'CHLORIDE ION'
5 non-polymer 'FE2/S2 (INORGANIC) CLUSTER'
6 non-polymer S-ADENOSYL-L-HOMOCYSTEINE
7 non-polymer 'HYDROSULFURIC ACID'
8 non-polymer THIOPROLINE
9 water water
#
_entity_poly.entity_id   1
_entity_poly.type   'polypeptide(L)'
_entity_poly.pdbx_seq_one_letter_code
;MTGREILEKLERREFTREVLKEALSINDRGFNEALFKLADEIRRKYVGDEVHIRAIIEFSNVCRKNCLYCGLRRDNKNLK
RYRMTPEEIVERARLAVQFGAKTIVLQSGEDPY(OTY)MPDVISDIVKEIKKMGVAVTLSLGEWPREYYEKWKEAGADRY
LLRHETANPVLHRKLRPDTSFENRLNCLLTLKELGYETGAGSMVGLPGQTIDDLVDDLLFLKEHDFDMVGIGPFIPHPDT
PLANEKKGDFTLTLKMVALTRILLPDSNIPATTAMGTIVPGGREITLRCGANVIMPNWTPSPYRQLYQLYPGKICVFEKD
TACIPCVMKMIELLGRKPGRDWGGRKRVFETV
;
_entity_poly.pdbx_strand_id   A
#
# COMPACT_ATOMS: atom_id res chain seq x y z
N MET A 1 28.73 12.96 -6.13
CA MET A 1 28.30 14.16 -5.36
C MET A 1 28.26 13.87 -3.89
N THR A 2 28.49 14.91 -3.09
CA THR A 2 28.46 14.72 -1.66
C THR A 2 26.97 14.67 -1.30
N GLY A 3 26.70 14.27 -0.07
CA GLY A 3 25.33 14.25 0.41
C GLY A 3 24.72 15.60 0.36
N ARG A 4 25.49 16.63 0.77
CA ARG A 4 24.98 17.97 0.74
C ARG A 4 24.57 18.30 -0.71
N GLU A 5 25.34 17.93 -1.74
N GLU A 5 25.28 17.96 -1.84
CA GLU A 5 24.94 18.26 -3.10
CA GLU A 5 24.85 18.32 -3.18
C GLU A 5 23.71 17.49 -3.60
C GLU A 5 23.64 17.51 -3.63
N ILE A 6 23.56 16.25 -3.19
CA ILE A 6 22.37 15.44 -3.55
C ILE A 6 21.10 16.08 -2.99
N LEU A 7 21.22 16.49 -1.72
CA LEU A 7 20.08 17.17 -1.11
C LEU A 7 19.68 18.44 -1.80
N GLU A 8 20.69 19.23 -2.24
CA GLU A 8 20.40 20.43 -2.96
C GLU A 8 19.72 20.14 -4.25
N LYS A 9 20.12 19.08 -4.95
CA LYS A 9 19.49 18.75 -6.21
C LYS A 9 18.06 18.28 -5.97
N LEU A 10 17.86 17.49 -4.92
CA LEU A 10 16.48 17.11 -4.56
C LEU A 10 15.60 18.29 -4.24
N GLU A 11 16.14 19.29 -3.50
CA GLU A 11 15.38 20.50 -3.16
C GLU A 11 15.02 21.32 -4.41
N ARG A 12 15.88 21.26 -5.44
CA ARG A 12 15.60 21.98 -6.68
C ARG A 12 14.90 21.12 -7.70
N ARG A 13 14.47 19.94 -7.26
CA ARG A 13 13.78 18.98 -8.13
C ARG A 13 14.51 18.54 -9.38
N GLU A 14 15.80 18.30 -9.23
N GLU A 14 15.81 18.31 -9.25
CA GLU A 14 16.61 17.73 -10.29
CA GLU A 14 16.62 17.76 -10.31
C GLU A 14 16.70 16.25 -10.11
C GLU A 14 16.72 16.26 -10.13
N PHE A 15 15.67 15.59 -10.57
CA PHE A 15 15.45 14.20 -10.26
C PHE A 15 16.01 13.26 -11.27
N THR A 16 17.30 13.30 -11.44
CA THR A 16 17.93 12.47 -12.44
C THR A 16 18.13 11.09 -11.85
N ARG A 17 18.35 10.10 -12.72
CA ARG A 17 18.67 8.76 -12.31
C ARG A 17 19.85 8.83 -11.38
N GLU A 18 20.85 9.63 -11.77
CA GLU A 18 22.03 9.71 -10.95
C GLU A 18 21.76 10.28 -9.56
N VAL A 19 21.00 11.31 -9.43
CA VAL A 19 20.66 11.85 -8.09
C VAL A 19 19.94 10.80 -7.21
N LEU A 20 19.01 10.10 -7.80
CA LEU A 20 18.24 9.06 -7.06
C LEU A 20 19.11 7.91 -6.66
N LYS A 21 20.01 7.45 -7.58
CA LYS A 21 20.90 6.35 -7.24
C LYS A 21 21.81 6.75 -6.10
N GLU A 22 22.35 7.96 -6.14
N GLU A 22 22.35 7.96 -6.14
CA GLU A 22 23.26 8.40 -5.09
CA GLU A 22 23.26 8.38 -5.08
C GLU A 22 22.53 8.53 -3.75
C GLU A 22 22.53 8.54 -3.75
N ALA A 23 21.30 9.08 -3.79
CA ALA A 23 20.50 9.16 -2.57
C ALA A 23 20.28 7.80 -1.90
N LEU A 24 20.03 6.77 -2.73
CA LEU A 24 19.82 5.42 -2.20
C LEU A 24 21.08 4.67 -1.79
N SER A 25 22.23 5.11 -2.33
CA SER A 25 23.51 4.48 -2.05
C SER A 25 24.29 5.05 -0.88
N ILE A 26 24.07 6.32 -0.57
CA ILE A 26 24.78 6.97 0.56
C ILE A 26 24.14 6.46 1.82
N ASN A 27 24.94 5.99 2.76
CA ASN A 27 24.45 5.45 4.00
C ASN A 27 24.76 6.32 5.21
N ASP A 28 25.29 7.49 4.98
CA ASP A 28 25.64 8.38 6.04
C ASP A 28 24.43 8.80 6.86
N ARG A 29 24.54 8.77 8.16
CA ARG A 29 23.41 9.10 9.05
C ARG A 29 22.93 10.51 8.89
N GLY A 30 23.83 11.45 8.82
CA GLY A 30 23.46 12.80 8.62
C GLY A 30 22.69 13.03 7.33
N PHE A 31 23.16 12.43 6.24
CA PHE A 31 22.43 12.55 4.98
C PHE A 31 21.02 11.94 5.13
N ASN A 32 20.93 10.75 5.65
CA ASN A 32 19.63 10.12 5.76
C ASN A 32 18.70 10.95 6.55
N GLU A 33 19.15 11.48 7.70
CA GLU A 33 18.28 12.32 8.52
C GLU A 33 17.79 13.54 7.80
N ALA A 34 18.67 14.18 7.04
CA ALA A 34 18.32 15.32 6.26
C ALA A 34 17.31 14.97 5.17
N LEU A 35 17.47 13.79 4.53
CA LEU A 35 16.51 13.31 3.54
C LEU A 35 15.10 13.13 4.14
N PHE A 36 15.11 12.52 5.34
CA PHE A 36 13.83 12.27 6.03
C PHE A 36 13.17 13.60 6.46
N LYS A 37 13.94 14.54 6.95
N LYS A 37 13.92 14.56 6.90
CA LYS A 37 13.45 15.86 7.25
CA LYS A 37 13.41 15.86 7.24
C LYS A 37 12.87 16.55 6.04
C LYS A 37 12.83 16.57 6.04
N LEU A 38 13.51 16.46 4.90
CA LEU A 38 13.02 17.07 3.67
C LEU A 38 11.69 16.46 3.30
N ALA A 39 11.60 15.13 3.32
CA ALA A 39 10.36 14.47 2.97
C ALA A 39 9.22 14.80 3.92
N ASP A 40 9.53 14.90 5.21
CA ASP A 40 8.53 15.28 6.23
C ASP A 40 8.01 16.67 5.98
N GLU A 41 8.88 17.60 5.62
N GLU A 41 8.94 17.58 5.66
CA GLU A 41 8.49 18.95 5.35
CA GLU A 41 8.58 18.94 5.41
C GLU A 41 7.70 19.07 4.08
C GLU A 41 7.77 19.06 4.13
N ILE A 42 8.08 18.37 3.02
N ILE A 42 8.03 18.36 3.02
CA ILE A 42 7.29 18.34 1.81
CA ILE A 42 7.24 18.36 1.80
C ILE A 42 5.88 17.82 2.10
C ILE A 42 5.84 17.80 2.09
N ARG A 43 5.80 16.71 2.85
CA ARG A 43 4.52 16.17 3.26
C ARG A 43 3.67 17.23 3.98
N ARG A 44 4.26 17.86 4.99
CA ARG A 44 3.50 18.87 5.71
C ARG A 44 2.98 19.98 4.80
N LYS A 45 3.88 20.48 3.94
CA LYS A 45 3.49 21.59 3.07
C LYS A 45 2.42 21.27 2.05
N TYR A 46 2.46 20.07 1.45
CA TYR A 46 1.56 19.69 0.39
C TYR A 46 0.30 19.00 0.84
N VAL A 47 0.41 18.11 1.83
CA VAL A 47 -0.76 17.32 2.26
C VAL A 47 -1.16 17.59 3.71
N GLY A 48 -0.45 18.45 4.41
CA GLY A 48 -0.82 18.85 5.75
C GLY A 48 -0.65 17.77 6.80
N ASP A 49 -1.29 18.02 7.94
CA ASP A 49 -1.15 17.17 9.14
C ASP A 49 -2.20 16.10 9.28
N GLU A 50 -3.18 16.07 8.42
CA GLU A 50 -4.21 15.01 8.48
CA GLU A 50 -4.21 15.00 8.42
C GLU A 50 -3.59 13.68 8.04
N VAL A 51 -3.86 12.67 8.85
CA VAL A 51 -3.47 11.29 8.50
C VAL A 51 -4.78 10.58 8.20
N HIS A 52 -4.93 10.12 6.98
CA HIS A 52 -6.16 9.49 6.52
C HIS A 52 -6.19 8.03 6.89
N ILE A 53 -7.32 7.64 7.45
CA ILE A 53 -7.52 6.27 7.94
C ILE A 53 -8.30 5.51 6.88
N ARG A 54 -7.73 4.39 6.42
CA ARG A 54 -8.39 3.50 5.47
C ARG A 54 -8.59 2.18 6.17
N ALA A 55 -9.83 1.82 6.53
CA ALA A 55 -10.05 0.56 7.24
C ALA A 55 -10.03 -0.60 6.23
N ILE A 56 -9.12 -1.56 6.46
CA ILE A 56 -8.97 -2.63 5.53
C ILE A 56 -9.59 -3.92 6.01
N ILE A 57 -10.43 -4.50 5.15
CA ILE A 57 -11.06 -5.78 5.40
C ILE A 57 -10.50 -6.76 4.38
N GLU A 58 -9.75 -7.76 4.89
CA GLU A 58 -9.10 -8.78 4.05
C GLU A 58 -10.08 -9.93 4.03
N PHE A 59 -10.96 -9.95 3.06
CA PHE A 59 -12.17 -10.73 3.12
C PHE A 59 -12.08 -12.18 2.65
N SER A 60 -10.99 -12.49 2.00
CA SER A 60 -10.74 -13.88 1.54
C SER A 60 -9.26 -14.05 1.37
N ASN A 61 -8.73 -15.21 1.81
CA ASN A 61 -7.33 -15.51 1.55
C ASN A 61 -7.17 -16.58 0.47
N VAL A 62 -8.21 -16.84 -0.31
CA VAL A 62 -8.12 -17.76 -1.48
C VAL A 62 -7.39 -17.02 -2.58
N CYS A 63 -6.42 -17.70 -3.21
CA CYS A 63 -5.80 -17.12 -4.37
C CYS A 63 -5.50 -18.18 -5.44
N ARG A 64 -5.73 -17.74 -6.69
CA ARG A 64 -5.38 -18.52 -7.88
C ARG A 64 -3.96 -18.36 -8.38
N LYS A 65 -3.25 -17.33 -7.90
CA LYS A 65 -1.91 -17.08 -8.34
C LYS A 65 -0.91 -17.72 -7.39
N ASN A 66 0.38 -17.70 -7.80
CA ASN A 66 1.43 -18.44 -7.12
C ASN A 66 2.67 -17.60 -6.90
N CYS A 67 2.47 -16.31 -6.62
CA CYS A 67 3.62 -15.41 -6.43
C CYS A 67 4.61 -15.95 -5.42
N LEU A 68 5.92 -15.90 -5.75
CA LEU A 68 6.91 -16.64 -4.95
C LEU A 68 7.10 -16.16 -3.55
N TYR A 69 6.78 -14.87 -3.35
CA TYR A 69 6.97 -14.17 -2.06
C TYR A 69 5.82 -14.33 -1.10
N CYS A 70 4.63 -14.74 -1.58
CA CYS A 70 3.39 -14.49 -0.86
C CYS A 70 2.90 -15.72 -0.14
N GLY A 71 2.56 -15.64 1.14
CA GLY A 71 2.03 -16.73 1.87
C GLY A 71 0.68 -17.24 1.42
N LEU A 72 -0.07 -16.43 0.65
CA LEU A 72 -1.37 -16.85 0.11
C LEU A 72 -1.25 -17.59 -1.23
N ARG A 73 -0.02 -17.77 -1.73
CA ARG A 73 0.17 -18.41 -3.04
C ARG A 73 -0.57 -19.77 -3.04
N ARG A 74 -1.07 -20.11 -4.27
CA ARG A 74 -1.93 -21.30 -4.37
C ARG A 74 -1.25 -22.59 -3.93
N ASP A 75 0.08 -22.66 -4.07
CA ASP A 75 0.76 -23.90 -3.68
C ASP A 75 0.92 -24.07 -2.19
N ASN A 76 0.60 -23.05 -1.36
CA ASN A 76 0.71 -23.19 0.05
C ASN A 76 -0.44 -23.97 0.64
N LYS A 77 -0.21 -25.25 0.90
CA LYS A 77 -1.22 -26.14 1.48
C LYS A 77 -1.30 -26.04 2.96
N ASN A 78 -0.35 -25.34 3.57
CA ASN A 78 -0.31 -25.21 5.05
CA ASN A 78 -0.29 -25.20 5.07
C ASN A 78 -1.07 -24.01 5.76
N LEU A 79 -2.07 -23.60 5.01
CA LEU A 79 -2.84 -22.44 5.33
C LEU A 79 -4.28 -22.73 5.29
N LYS A 80 -5.05 -22.48 6.35
CA LYS A 80 -6.48 -22.60 6.36
C LYS A 80 -7.01 -21.48 5.49
N ARG A 81 -7.79 -21.80 4.47
CA ARG A 81 -8.40 -20.84 3.64
C ARG A 81 -9.77 -20.45 4.17
N TYR A 82 -10.13 -19.17 3.97
CA TYR A 82 -11.40 -18.66 4.41
C TYR A 82 -12.00 -17.68 3.42
N ARG A 83 -13.34 -17.54 3.47
N ARG A 83 -13.30 -17.45 3.43
CA ARG A 83 -14.10 -16.55 2.73
CA ARG A 83 -13.79 -16.25 2.80
C ARG A 83 -15.15 -15.96 3.61
C ARG A 83 -15.04 -15.94 3.60
N MET A 84 -15.16 -14.62 3.76
CA MET A 84 -16.31 -13.95 4.43
C MET A 84 -17.53 -13.94 3.49
N THR A 85 -18.73 -14.06 4.01
CA THR A 85 -19.90 -13.92 3.22
C THR A 85 -20.11 -12.50 2.82
N PRO A 86 -20.84 -12.23 1.77
CA PRO A 86 -21.12 -10.86 1.44
C PRO A 86 -21.82 -10.09 2.53
N GLU A 87 -22.71 -10.70 3.27
CA GLU A 87 -23.37 -10.02 4.38
C GLU A 87 -22.36 -9.66 5.44
N GLU A 88 -21.48 -10.59 5.80
CA GLU A 88 -20.44 -10.34 6.76
C GLU A 88 -19.62 -9.18 6.35
N ILE A 89 -19.25 -9.09 5.09
CA ILE A 89 -18.37 -8.01 4.61
C ILE A 89 -19.07 -6.71 4.73
N VAL A 90 -20.34 -6.63 4.29
CA VAL A 90 -21.08 -5.37 4.38
C VAL A 90 -21.21 -4.95 5.81
N GLU A 91 -21.60 -5.86 6.70
CA GLU A 91 -21.80 -5.47 8.09
C GLU A 91 -20.51 -5.09 8.77
N ARG A 92 -19.39 -5.72 8.39
CA ARG A 92 -18.13 -5.38 8.94
C ARG A 92 -17.65 -3.99 8.46
N ALA A 93 -17.91 -3.67 7.22
CA ALA A 93 -17.73 -2.31 6.71
C ALA A 93 -18.61 -1.31 7.49
N ARG A 94 -19.86 -1.63 7.70
CA ARG A 94 -20.72 -0.73 8.47
C ARG A 94 -20.16 -0.47 9.84
N LEU A 95 -19.61 -1.50 10.52
CA LEU A 95 -19.01 -1.26 11.84
C LEU A 95 -17.82 -0.32 11.75
N ALA A 96 -16.99 -0.46 10.70
CA ALA A 96 -15.89 0.48 10.52
C ALA A 96 -16.36 1.89 10.30
N VAL A 97 -17.41 2.10 9.52
CA VAL A 97 -18.01 3.42 9.34
C VAL A 97 -18.56 3.95 10.67
N GLN A 98 -19.19 3.09 11.46
CA GLN A 98 -19.63 3.46 12.81
C GLN A 98 -18.49 3.93 13.67
N PHE A 99 -17.31 3.34 13.49
CA PHE A 99 -16.09 3.68 14.22
C PHE A 99 -15.38 4.90 13.62
N GLY A 100 -15.90 5.50 12.58
CA GLY A 100 -15.34 6.71 11.99
C GLY A 100 -14.53 6.54 10.72
N ALA A 101 -14.41 5.35 10.14
CA ALA A 101 -13.63 5.18 8.93
C ALA A 101 -14.44 5.90 7.81
N LYS A 102 -13.59 6.67 7.01
CA LYS A 102 -14.15 7.40 5.86
CA LYS A 102 -14.09 7.43 5.88
C LYS A 102 -13.79 6.78 4.50
N THR A 103 -12.87 5.76 4.55
CA THR A 103 -12.61 4.87 3.42
C THR A 103 -12.64 3.44 3.92
N ILE A 104 -13.27 2.56 3.14
CA ILE A 104 -13.23 1.13 3.36
C ILE A 104 -12.40 0.55 2.21
N VAL A 105 -11.37 -0.24 2.56
CA VAL A 105 -10.53 -0.98 1.61
C VAL A 105 -10.93 -2.44 1.66
N LEU A 106 -11.32 -3.03 0.54
CA LEU A 106 -11.60 -4.44 0.43
C LEU A 106 -10.42 -5.07 -0.27
N GLN A 107 -9.74 -6.00 0.39
CA GLN A 107 -8.56 -6.67 -0.17
C GLN A 107 -8.74 -8.17 -0.04
N SER A 108 -8.22 -8.89 -1.04
CA SER A 108 -8.28 -10.35 -1.00
C SER A 108 -7.16 -10.92 -1.88
N GLY A 109 -6.95 -12.23 -1.70
CA GLY A 109 -6.29 -12.97 -2.78
C GLY A 109 -7.12 -12.85 -4.03
N GLU A 110 -6.55 -13.32 -5.13
CA GLU A 110 -7.31 -13.38 -6.40
C GLU A 110 -8.25 -14.57 -6.34
N ASP A 111 -9.39 -14.38 -5.70
CA ASP A 111 -10.36 -15.44 -5.39
C ASP A 111 -11.51 -15.33 -6.39
N PRO A 112 -11.60 -16.27 -7.35
CA PRO A 112 -12.64 -16.18 -8.38
C PRO A 112 -14.10 -16.10 -7.88
N TYR A 113 -14.38 -16.64 -6.69
N TYR A 113 -14.30 -16.58 -6.64
CA TYR A 113 -15.77 -16.87 -6.27
CA TYR A 113 -15.66 -16.86 -6.22
C TYR A 113 -16.59 -15.57 -6.36
C TYR A 113 -16.52 -15.61 -6.37
N MET A 115 -16.10 -12.86 -8.21
CA MET A 115 -15.77 -11.95 -9.31
C MET A 115 -16.65 -12.11 -10.52
N PRO A 116 -17.27 -11.10 -11.10
CA PRO A 116 -17.29 -9.74 -10.64
C PRO A 116 -18.52 -9.39 -9.81
N ASP A 117 -19.56 -10.16 -9.85
CA ASP A 117 -20.88 -9.61 -9.42
C ASP A 117 -21.05 -9.53 -7.93
N VAL A 118 -20.47 -10.42 -7.17
CA VAL A 118 -20.65 -10.37 -5.70
C VAL A 118 -19.91 -9.12 -5.20
N ILE A 119 -18.72 -8.84 -5.73
CA ILE A 119 -18.03 -7.59 -5.42
C ILE A 119 -18.89 -6.37 -5.75
N SER A 120 -19.47 -6.34 -6.95
CA SER A 120 -20.34 -5.21 -7.30
C SER A 120 -21.44 -5.03 -6.26
N ASP A 121 -22.08 -6.11 -5.88
CA ASP A 121 -23.17 -6.00 -4.92
C ASP A 121 -22.68 -5.42 -3.58
N ILE A 122 -21.53 -5.90 -3.11
CA ILE A 122 -20.96 -5.41 -1.84
C ILE A 122 -20.62 -3.93 -1.94
N VAL A 123 -19.97 -3.55 -3.02
CA VAL A 123 -19.60 -2.16 -3.21
C VAL A 123 -20.82 -1.25 -3.20
N LYS A 124 -21.88 -1.67 -3.89
CA LYS A 124 -23.09 -0.83 -3.90
C LYS A 124 -23.63 -0.63 -2.49
N GLU A 125 -23.63 -1.67 -1.70
CA GLU A 125 -24.12 -1.54 -0.30
C GLU A 125 -23.27 -0.65 0.56
N ILE A 126 -21.96 -0.75 0.44
CA ILE A 126 -21.08 0.05 1.22
C ILE A 126 -21.15 1.50 0.82
N LYS A 127 -21.26 1.74 -0.47
CA LYS A 127 -21.38 3.13 -0.98
C LYS A 127 -22.60 3.84 -0.40
N LYS A 128 -23.66 3.14 -0.05
CA LYS A 128 -24.81 3.76 0.59
C LYS A 128 -24.47 4.42 1.92
N MET A 129 -23.34 4.01 2.54
N MET A 129 -23.32 4.06 2.53
CA MET A 129 -22.92 4.49 3.82
CA MET A 129 -22.93 4.56 3.82
C MET A 129 -22.18 5.84 3.75
C MET A 129 -22.17 5.88 3.74
N GLY A 130 -21.96 6.36 2.52
CA GLY A 130 -21.39 7.69 2.33
C GLY A 130 -19.91 7.78 2.56
N VAL A 131 -19.19 6.72 2.27
CA VAL A 131 -17.74 6.64 2.38
C VAL A 131 -17.14 6.27 1.05
N ALA A 132 -15.81 6.48 0.98
CA ALA A 132 -15.02 6.02 -0.19
C ALA A 132 -14.81 4.50 -0.08
N VAL A 133 -14.81 3.88 -1.25
CA VAL A 133 -14.49 2.47 -1.37
C VAL A 133 -13.26 2.26 -2.23
N THR A 134 -12.29 1.54 -1.69
CA THR A 134 -11.06 1.17 -2.39
C THR A 134 -11.02 -0.33 -2.55
N LEU A 135 -10.72 -0.82 -3.74
CA LEU A 135 -10.59 -2.26 -4.00
C LEU A 135 -9.11 -2.60 -4.18
N SER A 136 -8.73 -3.78 -3.68
CA SER A 136 -7.39 -4.30 -3.90
C SER A 136 -7.51 -5.81 -4.09
N LEU A 137 -7.92 -6.20 -5.33
CA LEU A 137 -8.34 -7.56 -5.65
C LEU A 137 -7.42 -8.23 -6.66
N GLY A 138 -6.35 -7.54 -7.10
CA GLY A 138 -5.45 -8.12 -8.11
C GLY A 138 -5.85 -7.80 -9.53
N GLU A 139 -5.35 -8.70 -10.40
CA GLU A 139 -5.49 -8.51 -11.84
C GLU A 139 -6.75 -9.24 -12.36
N TRP A 140 -7.60 -8.47 -13.02
CA TRP A 140 -8.85 -9.00 -13.59
C TRP A 140 -9.08 -8.31 -14.94
N PRO A 141 -10.06 -8.87 -15.72
CA PRO A 141 -10.37 -8.21 -17.02
C PRO A 141 -10.85 -6.82 -16.87
N ARG A 142 -10.65 -5.99 -17.90
CA ARG A 142 -11.22 -4.70 -18.01
CA ARG A 142 -11.20 -4.66 -17.93
C ARG A 142 -12.71 -4.66 -17.60
N GLU A 143 -13.48 -5.63 -18.09
CA GLU A 143 -14.92 -5.67 -17.85
C GLU A 143 -15.20 -5.68 -16.39
N TYR A 144 -14.39 -6.40 -15.60
CA TYR A 144 -14.63 -6.46 -14.14
C TYR A 144 -14.36 -5.13 -13.52
N TYR A 145 -13.23 -4.53 -13.86
CA TYR A 145 -12.90 -3.18 -13.37
C TYR A 145 -14.01 -2.17 -13.73
N GLU A 146 -14.58 -2.30 -14.94
N GLU A 146 -14.52 -2.26 -14.95
CA GLU A 146 -15.62 -1.36 -15.39
CA GLU A 146 -15.61 -1.35 -15.38
CA GLU A 146 -15.58 -1.38 -15.35
C GLU A 146 -16.88 -1.56 -14.52
C GLU A 146 -16.84 -1.57 -14.49
N LYS A 147 -17.22 -2.83 -14.29
CA LYS A 147 -18.40 -3.12 -13.47
C LYS A 147 -18.28 -2.56 -12.08
N TRP A 148 -17.07 -2.70 -11.51
CA TRP A 148 -16.84 -2.22 -10.13
C TRP A 148 -16.85 -0.73 -10.04
N LYS A 149 -16.39 -0.04 -11.11
CA LYS A 149 -16.44 1.42 -11.13
C LYS A 149 -17.93 1.88 -11.28
N GLU A 150 -18.71 1.18 -12.09
N GLU A 150 -18.72 1.18 -12.10
CA GLU A 150 -20.10 1.55 -12.23
CA GLU A 150 -20.10 1.57 -12.21
C GLU A 150 -20.83 1.27 -10.92
C GLU A 150 -20.82 1.29 -10.89
N ALA A 151 -20.43 0.22 -10.13
CA ALA A 151 -21.03 -0.07 -8.84
C ALA A 151 -20.71 0.98 -7.78
N GLY A 152 -19.72 1.81 -8.06
CA GLY A 152 -19.37 2.94 -7.20
C GLY A 152 -17.99 2.96 -6.57
N ALA A 153 -17.12 1.97 -6.90
CA ALA A 153 -15.81 1.98 -6.35
C ALA A 153 -15.06 3.26 -6.74
N ASP A 154 -14.30 3.79 -5.80
CA ASP A 154 -13.59 5.05 -5.95
C ASP A 154 -12.12 4.90 -6.34
N ARG A 155 -11.46 3.88 -5.76
CA ARG A 155 -10.03 3.75 -5.83
C ARG A 155 -9.67 2.25 -6.00
N TYR A 156 -8.45 2.03 -6.53
CA TYR A 156 -7.96 0.67 -6.70
C TYR A 156 -6.49 0.64 -6.41
N LEU A 157 -6.06 -0.30 -5.56
CA LEU A 157 -4.66 -0.51 -5.25
C LEU A 157 -4.10 -1.71 -5.98
N LEU A 158 -3.08 -1.50 -6.75
CA LEU A 158 -2.45 -2.60 -7.52
C LEU A 158 -0.97 -2.30 -7.57
N ARG A 159 -0.26 -2.69 -6.53
CA ARG A 159 1.14 -2.40 -6.52
C ARG A 159 1.84 -2.99 -7.76
N HIS A 160 2.77 -2.24 -8.33
CA HIS A 160 3.46 -2.77 -9.48
C HIS A 160 4.54 -3.79 -9.05
N GLU A 161 4.88 -3.86 -7.77
CA GLU A 161 5.74 -4.85 -7.15
C GLU A 161 7.25 -4.66 -7.40
N THR A 162 7.58 -4.70 -8.72
CA THR A 162 8.92 -4.41 -9.22
C THR A 162 8.77 -4.00 -10.66
N ALA A 163 9.45 -2.92 -11.02
CA ALA A 163 9.44 -2.40 -12.43
C ALA A 163 10.49 -3.12 -13.29
N ASN A 164 11.19 -4.06 -12.77
CA ASN A 164 12.17 -4.88 -13.56
C ASN A 164 11.33 -6.03 -14.18
N PRO A 165 11.14 -6.02 -15.54
CA PRO A 165 10.21 -7.03 -16.08
C PRO A 165 10.65 -8.48 -15.89
N VAL A 166 12.01 -8.66 -15.93
CA VAL A 166 12.58 -9.97 -15.79
C VAL A 166 12.34 -10.51 -14.38
N LEU A 167 12.69 -9.67 -13.36
CA LEU A 167 12.46 -10.06 -12.00
C LEU A 167 10.94 -10.27 -11.69
N HIS A 168 10.16 -9.38 -12.27
CA HIS A 168 8.68 -9.45 -12.08
C HIS A 168 8.14 -10.80 -12.57
N ARG A 169 8.55 -11.23 -13.77
CA ARG A 169 8.04 -12.48 -14.30
C ARG A 169 8.52 -13.69 -13.52
N LYS A 170 9.77 -13.66 -13.01
CA LYS A 170 10.26 -14.72 -12.20
C LYS A 170 9.50 -14.88 -10.86
N LEU A 171 9.18 -13.74 -10.22
CA LEU A 171 8.49 -13.76 -8.92
C LEU A 171 6.99 -13.96 -9.00
N ARG A 172 6.47 -13.67 -10.20
CA ARG A 172 5.00 -13.70 -10.43
C ARG A 172 4.71 -14.50 -11.70
N PRO A 173 4.91 -15.83 -11.56
CA PRO A 173 5.01 -16.70 -12.80
C PRO A 173 3.72 -16.87 -13.56
N ASP A 174 2.59 -16.38 -13.05
CA ASP A 174 1.32 -16.41 -13.71
C ASP A 174 1.08 -15.24 -14.67
N THR A 175 1.97 -14.24 -14.57
CA THR A 175 1.69 -12.98 -15.19
C THR A 175 2.98 -12.26 -15.54
N SER A 176 2.91 -10.94 -15.70
CA SER A 176 4.03 -10.16 -16.20
C SER A 176 3.91 -8.71 -15.78
N PHE A 177 5.02 -7.99 -15.79
CA PHE A 177 5.00 -6.54 -15.61
C PHE A 177 4.12 -5.91 -16.66
N GLU A 178 4.21 -6.36 -17.93
CA GLU A 178 3.32 -5.73 -18.93
C GLU A 178 1.83 -5.81 -18.57
N ASN A 179 1.49 -7.01 -18.11
N ASN A 179 1.51 -7.02 -18.12
CA ASN A 179 0.10 -7.12 -17.69
CA ASN A 179 0.11 -7.16 -17.70
C ASN A 179 -0.26 -6.24 -16.51
C ASN A 179 -0.25 -6.23 -16.53
N ARG A 180 0.60 -6.21 -15.54
CA ARG A 180 0.39 -5.38 -14.35
C ARG A 180 0.21 -3.91 -14.71
N LEU A 181 1.12 -3.42 -15.57
CA LEU A 181 1.06 -2.05 -16.07
C LEU A 181 -0.24 -1.84 -16.84
N ASN A 182 -0.62 -2.83 -17.71
N ASN A 182 -0.60 -2.77 -17.74
CA ASN A 182 -1.86 -2.61 -18.48
CA ASN A 182 -1.83 -2.63 -18.47
C ASN A 182 -3.08 -2.49 -17.55
C ASN A 182 -3.04 -2.46 -17.54
N CYS A 183 -3.07 -3.31 -16.48
CA CYS A 183 -4.15 -3.14 -15.47
C CYS A 183 -4.15 -1.75 -14.85
N LEU A 184 -2.98 -1.28 -14.43
CA LEU A 184 -2.91 0.06 -13.84
C LEU A 184 -3.37 1.13 -14.81
N LEU A 185 -2.97 1.02 -16.08
CA LEU A 185 -3.41 2.00 -17.10
C LEU A 185 -4.94 1.95 -17.34
N THR A 186 -5.49 0.73 -17.33
CA THR A 186 -6.93 0.56 -17.51
C THR A 186 -7.69 1.17 -16.35
N LEU A 187 -7.19 0.91 -15.12
CA LEU A 187 -7.81 1.50 -13.94
C LEU A 187 -7.82 3.04 -14.02
N LYS A 188 -6.71 3.65 -14.38
CA LYS A 188 -6.69 5.09 -14.54
CA LYS A 188 -6.69 5.12 -14.51
C LYS A 188 -7.68 5.62 -15.57
N GLU A 189 -7.70 4.91 -16.72
CA GLU A 189 -8.64 5.27 -17.84
C GLU A 189 -10.06 5.26 -17.41
N LEU A 190 -10.39 4.29 -16.53
CA LEU A 190 -11.74 4.15 -16.06
C LEU A 190 -12.13 5.17 -14.99
N GLY A 191 -11.21 5.95 -14.49
CA GLY A 191 -11.49 7.05 -13.57
C GLY A 191 -11.24 6.67 -12.10
N TYR A 192 -10.61 5.50 -11.84
CA TYR A 192 -10.21 5.19 -10.45
C TYR A 192 -9.10 6.13 -10.02
N GLU A 193 -9.06 6.50 -8.73
CA GLU A 193 -7.83 6.92 -8.10
CA GLU A 193 -7.81 6.90 -8.09
C GLU A 193 -7.00 5.64 -7.95
N THR A 194 -5.76 5.65 -8.45
N THR A 194 -5.77 5.64 -8.48
CA THR A 194 -5.02 4.43 -8.62
CA THR A 194 -5.04 4.41 -8.57
C THR A 194 -3.76 4.43 -7.81
C THR A 194 -3.77 4.42 -7.79
N GLY A 195 -3.53 3.30 -7.13
CA GLY A 195 -2.34 3.13 -6.34
C GLY A 195 -1.41 2.07 -6.93
N ALA A 196 -0.13 2.42 -6.92
CA ALA A 196 0.94 1.46 -7.31
C ALA A 196 1.88 1.27 -6.15
N GLY A 197 3.14 0.98 -6.38
CA GLY A 197 4.07 0.74 -5.33
C GLY A 197 4.77 -0.57 -5.42
N SER A 198 5.68 -0.84 -4.50
CA SER A 198 6.63 -1.93 -4.68
C SER A 198 7.14 -2.41 -3.38
N MET A 199 7.73 -3.62 -3.40
CA MET A 199 8.44 -4.14 -2.27
C MET A 199 9.92 -3.79 -2.41
N VAL A 200 10.54 -3.62 -1.26
CA VAL A 200 11.96 -3.32 -1.20
C VAL A 200 12.73 -4.46 -0.56
N GLY A 201 13.81 -4.92 -1.20
CA GLY A 201 14.59 -6.01 -0.67
C GLY A 201 14.21 -7.36 -1.17
N LEU A 202 13.47 -7.40 -2.30
CA LEU A 202 13.19 -8.68 -2.97
C LEU A 202 14.50 -9.37 -3.36
N PRO A 203 14.49 -10.72 -3.33
CA PRO A 203 15.74 -11.41 -3.79
C PRO A 203 16.06 -11.03 -5.25
N GLY A 204 17.28 -10.66 -5.50
CA GLY A 204 17.71 -10.29 -6.85
C GLY A 204 17.47 -8.86 -7.26
N GLN A 205 16.76 -8.08 -6.40
CA GLN A 205 16.48 -6.74 -6.69
C GLN A 205 17.70 -5.86 -6.33
N THR A 206 18.08 -4.96 -7.19
CA THR A 206 19.26 -4.14 -6.98
C THR A 206 18.87 -2.68 -6.66
N ILE A 207 19.86 -1.90 -6.26
CA ILE A 207 19.62 -0.45 -6.12
C ILE A 207 19.14 0.17 -7.41
N ASP A 208 19.73 -0.25 -8.57
CA ASP A 208 19.27 0.33 -9.81
C ASP A 208 17.78 0.01 -10.05
N ASP A 209 17.40 -1.17 -9.63
CA ASP A 209 15.96 -1.54 -9.72
C ASP A 209 15.03 -0.62 -8.89
N LEU A 210 15.54 -0.27 -7.73
CA LEU A 210 14.78 0.69 -6.87
C LEU A 210 14.67 2.05 -7.50
N VAL A 211 15.78 2.55 -8.14
CA VAL A 211 15.72 3.76 -8.91
C VAL A 211 14.65 3.70 -10.00
N ASP A 212 14.63 2.54 -10.75
CA ASP A 212 13.62 2.33 -11.78
C ASP A 212 12.20 2.36 -11.23
N ASP A 213 12.03 1.83 -9.98
CA ASP A 213 10.71 1.89 -9.30
C ASP A 213 10.35 3.35 -9.05
N LEU A 214 11.27 4.18 -8.54
CA LEU A 214 10.98 5.61 -8.35
C LEU A 214 10.61 6.33 -9.64
N LEU A 215 11.41 6.08 -10.71
CA LEU A 215 11.16 6.74 -12.00
C LEU A 215 9.84 6.33 -12.65
N PHE A 216 9.46 5.05 -12.44
CA PHE A 216 8.16 4.50 -12.89
C PHE A 216 7.00 5.25 -12.21
N LEU A 217 7.18 5.41 -10.88
CA LEU A 217 6.13 6.09 -10.11
C LEU A 217 5.98 7.52 -10.51
N LYS A 218 7.13 8.18 -10.73
CA LYS A 218 7.13 9.55 -11.19
C LYS A 218 6.52 9.68 -12.60
N GLU A 219 6.86 8.74 -13.50
CA GLU A 219 6.34 8.74 -14.86
C GLU A 219 4.81 8.82 -14.89
N HIS A 220 4.19 7.89 -14.10
CA HIS A 220 2.72 7.66 -14.13
C HIS A 220 1.90 8.52 -13.15
N ASP A 221 2.61 9.24 -12.30
CA ASP A 221 1.97 10.21 -11.40
C ASP A 221 0.83 9.61 -10.57
N PHE A 222 1.10 8.48 -9.93
CA PHE A 222 0.01 7.73 -9.25
C PHE A 222 -0.57 8.56 -8.10
N ASP A 223 -1.84 8.28 -7.87
CA ASP A 223 -2.55 8.91 -6.73
C ASP A 223 -2.08 8.42 -5.39
N MET A 224 -1.75 7.15 -5.32
CA MET A 224 -1.29 6.51 -4.12
CA MET A 224 -1.28 6.52 -4.12
C MET A 224 -0.10 5.64 -4.41
N VAL A 225 0.80 5.52 -3.44
CA VAL A 225 1.97 4.65 -3.57
C VAL A 225 2.16 3.84 -2.28
N GLY A 226 2.07 2.53 -2.36
CA GLY A 226 2.25 1.61 -1.22
C GLY A 226 3.59 0.94 -1.31
N ILE A 227 4.42 1.22 -0.29
CA ILE A 227 5.76 0.65 -0.24
C ILE A 227 6.00 -0.05 1.05
N GLY A 228 6.61 -1.23 1.01
CA GLY A 228 7.05 -1.85 2.21
C GLY A 228 8.19 -2.77 1.87
N PRO A 229 8.75 -3.32 2.93
CA PRO A 229 9.81 -4.30 2.76
C PRO A 229 9.22 -5.60 2.40
N PHE A 230 10.03 -6.38 1.66
CA PHE A 230 9.79 -7.83 1.51
C PHE A 230 10.02 -8.55 2.80
N ILE A 231 9.10 -9.37 3.23
CA ILE A 231 9.24 -10.12 4.48
C ILE A 231 9.10 -11.64 4.12
N PRO A 232 10.17 -12.45 4.29
CA PRO A 232 10.06 -13.83 3.84
CA PRO A 232 10.09 -13.85 3.87
C PRO A 232 9.04 -14.61 4.63
N HIS A 233 8.30 -15.51 3.93
CA HIS A 233 7.28 -16.34 4.48
C HIS A 233 7.77 -17.81 4.44
N PRO A 234 7.68 -18.51 5.60
CA PRO A 234 8.25 -19.90 5.66
C PRO A 234 7.62 -20.91 4.75
N ASP A 235 6.40 -20.70 4.28
CA ASP A 235 5.72 -21.63 3.43
C ASP A 235 5.79 -21.22 2.00
N THR A 236 6.89 -20.59 1.57
CA THR A 236 7.06 -20.12 0.24
C THR A 236 8.50 -20.47 -0.22
N PRO A 237 8.72 -20.37 -1.53
CA PRO A 237 10.03 -20.65 -2.04
C PRO A 237 11.08 -19.67 -1.61
N LEU A 238 10.66 -18.52 -1.12
CA LEU A 238 11.61 -17.46 -0.70
C LEU A 238 11.84 -17.47 0.80
N ALA A 239 11.44 -18.53 1.49
CA ALA A 239 11.52 -18.68 2.92
C ALA A 239 12.86 -18.35 3.54
N ASN A 240 13.93 -18.68 2.84
CA ASN A 240 15.29 -18.48 3.34
C ASN A 240 15.99 -17.26 2.89
N GLU A 241 15.29 -16.35 2.20
CA GLU A 241 15.86 -15.12 1.68
C GLU A 241 15.88 -14.01 2.74
N LYS A 242 16.70 -12.99 2.55
CA LYS A 242 16.76 -11.92 3.57
C LYS A 242 15.56 -11.02 3.44
N LYS A 243 15.20 -10.53 4.60
N LYS A 243 15.10 -10.61 4.59
CA LYS A 243 14.20 -9.51 4.68
CA LYS A 243 14.17 -9.54 4.73
C LYS A 243 14.74 -8.18 4.18
C LYS A 243 14.69 -8.20 4.20
N GLY A 244 13.80 -7.38 3.64
CA GLY A 244 14.14 -6.05 3.21
C GLY A 244 14.56 -5.15 4.39
N ASP A 245 15.49 -4.25 4.10
CA ASP A 245 16.01 -3.36 5.10
C ASP A 245 15.03 -2.24 5.39
N PHE A 246 14.82 -1.99 6.65
CA PHE A 246 13.84 -0.92 7.01
C PHE A 246 14.33 0.44 6.57
N THR A 247 15.60 0.82 6.83
CA THR A 247 16.08 2.13 6.48
C THR A 247 16.01 2.39 4.98
N LEU A 248 16.39 1.38 4.16
CA LEU A 248 16.34 1.54 2.72
C LEU A 248 14.89 1.78 2.24
N THR A 249 13.99 0.97 2.87
CA THR A 249 12.56 1.07 2.53
C THR A 249 12.06 2.47 2.91
N LEU A 250 12.47 2.96 4.07
CA LEU A 250 12.06 4.31 4.52
C LEU A 250 12.58 5.39 3.56
N LYS A 251 13.82 5.20 3.04
CA LYS A 251 14.29 6.13 2.04
C LYS A 251 13.49 6.10 0.76
N MET A 252 12.98 4.92 0.37
CA MET A 252 12.05 4.84 -0.75
C MET A 252 10.79 5.62 -0.53
N VAL A 253 10.23 5.49 0.69
CA VAL A 253 9.04 6.32 1.01
C VAL A 253 9.35 7.80 0.97
N ALA A 254 10.50 8.22 1.56
CA ALA A 254 10.85 9.62 1.57
C ALA A 254 11.04 10.14 0.16
N LEU A 255 11.77 9.40 -0.68
CA LEU A 255 11.95 9.85 -2.07
C LEU A 255 10.68 9.91 -2.87
N THR A 256 9.73 8.97 -2.58
CA THR A 256 8.43 8.96 -3.22
C THR A 256 7.66 10.25 -2.90
N ARG A 257 7.71 10.65 -1.63
CA ARG A 257 7.06 11.92 -1.23
C ARG A 257 7.71 13.12 -1.95
N ILE A 258 9.05 13.13 -1.98
CA ILE A 258 9.76 14.25 -2.66
C ILE A 258 9.39 14.29 -4.16
N LEU A 259 9.31 13.10 -4.79
CA LEU A 259 8.95 13.01 -6.21
C LEU A 259 7.50 13.32 -6.53
N LEU A 260 6.61 12.91 -5.64
CA LEU A 260 5.17 12.97 -5.81
C LEU A 260 4.57 13.70 -4.60
N PRO A 261 4.77 15.04 -4.51
CA PRO A 261 4.50 15.70 -3.28
C PRO A 261 3.07 15.73 -2.82
N ASP A 262 2.14 15.63 -3.73
CA ASP A 262 0.71 15.65 -3.42
C ASP A 262 0.05 14.27 -3.38
N SER A 263 0.85 13.21 -3.38
CA SER A 263 0.29 11.86 -3.42
C SER A 263 -0.14 11.40 -2.01
N ASN A 264 -0.92 10.36 -1.95
CA ASN A 264 -1.29 9.67 -0.70
C ASN A 264 -0.39 8.47 -0.54
N ILE A 265 0.32 8.42 0.57
CA ILE A 265 1.38 7.43 0.79
C ILE A 265 1.15 6.76 2.16
N PRO A 266 0.83 5.47 2.23
N PRO A 266 0.78 5.48 2.25
CA PRO A 266 0.64 4.86 3.54
CA PRO A 266 0.60 4.84 3.56
C PRO A 266 1.94 4.49 4.25
C PRO A 266 1.92 4.54 4.26
N ALA A 267 1.80 4.47 5.58
CA ALA A 267 2.76 3.84 6.47
C ALA A 267 2.27 2.41 6.60
N THR A 268 2.86 1.48 5.89
CA THR A 268 2.29 0.15 5.78
C THR A 268 2.51 -0.72 7.01
N THR A 269 1.61 -1.70 7.16
CA THR A 269 1.75 -2.66 8.22
C THR A 269 3.07 -3.42 8.15
N ALA A 270 3.57 -3.67 6.94
CA ALA A 270 4.87 -4.37 6.83
C ALA A 270 5.96 -3.52 7.46
N MET A 271 5.91 -2.22 7.33
CA MET A 271 6.90 -1.35 8.04
C MET A 271 6.81 -1.50 9.54
N GLY A 272 5.59 -1.63 10.06
CA GLY A 272 5.44 -1.84 11.51
C GLY A 272 5.72 -3.24 12.00
N THR A 273 5.79 -4.19 11.06
CA THR A 273 6.15 -5.56 11.35
C THR A 273 7.65 -5.76 11.48
N ILE A 274 8.42 -5.17 10.61
CA ILE A 274 9.86 -5.39 10.67
C ILE A 274 10.57 -4.61 11.73
N VAL A 275 10.00 -3.48 12.17
CA VAL A 275 10.57 -2.66 13.21
C VAL A 275 9.49 -2.26 14.16
N PRO A 276 9.62 -2.43 15.48
CA PRO A 276 8.62 -1.92 16.38
C PRO A 276 8.54 -0.41 16.26
N GLY A 277 7.34 0.11 16.05
CA GLY A 277 7.13 1.52 15.80
C GLY A 277 7.45 1.98 14.38
N GLY A 278 7.54 1.06 13.45
CA GLY A 278 7.93 1.41 12.10
C GLY A 278 6.89 2.24 11.38
N ARG A 279 5.62 2.09 11.66
CA ARG A 279 4.62 2.94 10.99
C ARG A 279 4.74 4.40 11.41
N GLU A 280 4.92 4.60 12.72
CA GLU A 280 5.05 5.92 13.25
C GLU A 280 6.26 6.65 12.66
N ILE A 281 7.39 5.95 12.56
CA ILE A 281 8.54 6.52 11.87
C ILE A 281 8.17 6.92 10.46
N THR A 282 7.50 6.03 9.75
CA THR A 282 7.21 6.24 8.33
C THR A 282 6.30 7.43 8.15
N LEU A 283 5.33 7.64 9.06
CA LEU A 283 4.46 8.81 9.05
C LEU A 283 5.21 10.08 9.26
N ARG A 284 6.44 10.05 9.81
CA ARG A 284 7.26 11.21 10.00
C ARG A 284 8.36 11.34 8.95
N CYS A 285 8.32 10.54 7.90
CA CYS A 285 9.29 10.55 6.83
C CYS A 285 8.67 10.60 5.48
N GLY A 286 7.40 11.08 5.42
CA GLY A 286 6.74 11.29 4.14
C GLY A 286 5.35 10.71 4.03
N ALA A 287 4.99 9.73 4.85
CA ALA A 287 3.68 9.10 4.73
C ALA A 287 2.58 9.96 5.39
N ASN A 288 1.36 9.76 4.91
CA ASN A 288 0.21 10.51 5.38
C ASN A 288 -1.09 9.71 5.47
N VAL A 289 -0.98 8.37 5.35
CA VAL A 289 -2.13 7.45 5.38
C VAL A 289 -1.76 6.29 6.27
N ILE A 290 -2.80 5.73 6.88
CA ILE A 290 -2.64 4.50 7.67
C ILE A 290 -3.82 3.62 7.43
N MET A 291 -3.58 2.30 7.39
CA MET A 291 -4.64 1.34 7.09
CA MET A 291 -4.64 1.33 7.06
C MET A 291 -4.83 0.32 8.29
N PRO A 292 -5.61 0.72 9.28
CA PRO A 292 -5.82 -0.19 10.44
C PRO A 292 -6.52 -1.46 9.95
N ASN A 293 -6.00 -2.58 10.44
N ASN A 293 -6.22 -2.56 10.65
CA ASN A 293 -6.59 -3.90 10.15
CA ASN A 293 -6.74 -3.82 10.18
C ASN A 293 -8.04 -3.97 10.71
C ASN A 293 -8.08 -4.15 10.76
N TRP A 294 -9.02 -4.24 9.85
CA TRP A 294 -10.41 -4.40 10.23
C TRP A 294 -10.95 -5.78 9.85
N THR A 295 -10.05 -6.72 9.59
CA THR A 295 -10.47 -8.09 9.33
C THR A 295 -10.91 -8.72 10.68
N PRO A 296 -12.06 -9.38 10.67
CA PRO A 296 -12.50 -9.95 11.95
C PRO A 296 -11.82 -11.23 12.31
N SER A 297 -11.81 -11.59 13.58
CA SER A 297 -11.49 -12.96 14.01
C SER A 297 -12.64 -13.81 13.51
N PRO A 298 -12.42 -15.08 13.16
CA PRO A 298 -11.09 -15.71 13.38
C PRO A 298 -10.20 -15.69 12.16
N TYR A 299 -10.53 -14.83 11.20
N TYR A 299 -10.40 -14.75 11.24
CA TYR A 299 -9.85 -14.80 9.89
CA TYR A 299 -9.82 -14.78 9.93
C TYR A 299 -8.60 -13.95 9.86
C TYR A 299 -8.55 -13.99 9.91
N ARG A 300 -8.58 -12.95 10.67
N ARG A 300 -8.59 -13.09 10.85
CA ARG A 300 -7.41 -12.06 10.68
CA ARG A 300 -7.60 -12.12 11.09
C ARG A 300 -6.03 -12.81 10.70
C ARG A 300 -6.20 -12.77 10.81
N GLN A 301 -5.91 -13.78 11.62
CA GLN A 301 -4.73 -14.51 11.71
C GLN A 301 -4.40 -15.45 10.49
N LEU A 302 -5.34 -15.67 9.60
CA LEU A 302 -5.18 -16.49 8.41
C LEU A 302 -4.77 -15.68 7.19
N TYR A 303 -4.80 -14.37 7.30
CA TYR A 303 -4.45 -13.55 6.15
C TYR A 303 -3.03 -13.16 6.27
N GLN A 304 -2.15 -14.06 5.85
CA GLN A 304 -0.69 -13.93 6.12
C GLN A 304 0.07 -13.92 4.87
N LEU A 305 0.11 -12.73 4.24
CA LEU A 305 0.98 -12.48 3.09
C LEU A 305 2.38 -12.74 3.53
N TYR A 306 2.73 -12.30 4.73
CA TYR A 306 3.98 -12.49 5.40
C TYR A 306 3.69 -12.81 6.83
N PRO A 307 4.67 -13.41 7.52
CA PRO A 307 4.42 -13.78 8.94
C PRO A 307 4.74 -12.71 9.92
N GLY A 308 4.28 -13.03 11.17
N GLY A 308 4.36 -13.03 11.20
CA GLY A 308 4.57 -12.22 12.34
CA GLY A 308 4.64 -12.20 12.37
C GLY A 308 3.89 -10.88 12.29
C GLY A 308 3.94 -10.86 12.30
N LYS A 309 2.87 -10.72 11.45
N LYS A 309 2.94 -10.72 11.44
CA LYS A 309 2.23 -9.41 11.23
CA LYS A 309 2.27 -9.45 11.26
C LYS A 309 1.70 -8.89 12.56
C LYS A 309 1.73 -8.91 12.59
N ILE A 310 1.91 -7.60 12.82
N ILE A 310 1.92 -7.61 12.80
CA ILE A 310 1.32 -6.98 14.04
CA ILE A 310 1.40 -7.01 14.05
C ILE A 310 -0.21 -6.96 13.97
C ILE A 310 -0.15 -6.99 13.98
N CYS A 311 -0.84 -6.74 15.11
CA CYS A 311 -2.29 -6.56 15.22
C CYS A 311 -3.12 -7.89 15.22
N VAL A 312 -2.51 -9.00 14.82
CA VAL A 312 -3.24 -10.27 14.66
C VAL A 312 -3.84 -10.76 15.93
N PHE A 313 -3.26 -10.49 17.08
CA PHE A 313 -3.73 -11.02 18.33
C PHE A 313 -4.66 -10.13 19.04
N GLU A 314 -4.92 -8.95 18.46
CA GLU A 314 -5.80 -7.99 19.11
C GLU A 314 -7.29 -8.27 18.81
N LYS A 315 -8.16 -7.73 19.63
CA LYS A 315 -9.61 -7.85 19.44
C LYS A 315 -9.98 -7.12 18.19
N ASP A 316 -11.12 -7.49 17.56
N ASP A 316 -10.98 -7.46 17.48
CA ASP A 316 -11.72 -7.11 16.21
CA ASP A 316 -10.85 -7.08 16.14
C ASP A 316 -11.62 -5.69 15.96
C ASP A 316 -11.49 -5.69 15.95
N THR A 317 -11.93 -4.93 17.03
CA THR A 317 -12.18 -3.50 16.88
C THR A 317 -11.03 -2.63 17.40
N ALA A 318 -9.92 -3.22 17.71
CA ALA A 318 -8.84 -2.45 18.40
C ALA A 318 -8.16 -1.42 17.49
N CYS A 319 -8.02 -1.77 16.17
N CYS A 319 -7.94 -1.80 16.22
CA CYS A 319 -7.07 -1.04 15.39
CA CYS A 319 -6.97 -1.06 15.43
C CYS A 319 -7.46 0.37 14.99
C CYS A 319 -7.39 0.34 15.01
N ILE A 320 -8.74 0.66 14.81
CA ILE A 320 -9.19 2.03 14.54
C ILE A 320 -8.87 2.95 15.76
N PRO A 321 -9.30 2.56 16.98
CA PRO A 321 -8.91 3.36 18.12
C PRO A 321 -7.40 3.51 18.29
N CYS A 322 -6.68 2.42 18.05
N CYS A 322 -6.69 2.42 18.04
CA CYS A 322 -5.24 2.44 18.21
CA CYS A 322 -5.24 2.44 18.22
C CYS A 322 -4.58 3.45 17.28
C CYS A 322 -4.58 3.45 17.28
N VAL A 323 -5.02 3.49 16.00
CA VAL A 323 -4.45 4.49 15.07
C VAL A 323 -4.92 5.89 15.37
N MET A 324 -6.09 6.07 15.95
CA MET A 324 -6.45 7.39 16.37
CA MET A 324 -6.52 7.40 16.41
C MET A 324 -5.56 7.92 17.49
N LYS A 325 -5.23 7.05 18.44
CA LYS A 325 -4.25 7.41 19.51
C LYS A 325 -2.90 7.71 18.87
N MET A 326 -2.47 6.87 17.93
CA MET A 326 -1.17 7.08 17.24
C MET A 326 -1.11 8.48 16.60
N ILE A 327 -2.15 8.80 15.85
CA ILE A 327 -2.21 10.08 15.15
C ILE A 327 -2.11 11.26 16.15
N GLU A 328 -2.84 11.15 17.27
CA GLU A 328 -2.72 12.21 18.32
C GLU A 328 -1.33 12.31 18.92
N LEU A 329 -0.73 11.15 19.29
CA LEU A 329 0.60 11.23 19.96
C LEU A 329 1.68 11.67 18.99
N LEU A 330 1.42 11.53 17.68
CA LEU A 330 2.31 12.09 16.64
C LEU A 330 2.12 13.59 16.42
N GLY A 331 1.13 14.20 17.10
CA GLY A 331 0.82 15.60 16.90
C GLY A 331 0.16 15.88 15.59
N ARG A 332 -0.54 14.88 15.05
CA ARG A 332 -1.24 14.94 13.77
C ARG A 332 -2.73 14.99 13.95
N LYS A 333 -3.50 15.02 12.88
CA LYS A 333 -4.94 15.14 12.94
C LYS A 333 -5.62 14.08 12.19
N PRO A 334 -6.85 13.60 12.52
CA PRO A 334 -7.44 12.55 11.64
C PRO A 334 -8.03 13.29 10.36
N GLY A 335 -8.08 12.60 9.30
CA GLY A 335 -8.72 13.08 8.12
C GLY A 335 -10.16 13.48 8.34
N ARG A 336 -10.53 14.59 7.71
CA ARG A 336 -11.84 15.20 7.89
C ARG A 336 -12.85 14.80 6.80
N ASP A 337 -12.35 14.35 5.69
CA ASP A 337 -13.14 13.97 4.48
C ASP A 337 -12.66 12.64 3.99
N TRP A 338 -12.96 12.27 2.77
CA TRP A 338 -12.53 10.95 2.28
C TRP A 338 -11.04 10.87 2.02
N GLY A 339 -10.32 11.96 2.06
CA GLY A 339 -8.90 11.91 1.83
C GLY A 339 -8.51 11.55 0.42
N GLY A 340 -9.29 11.97 -0.60
CA GLY A 340 -8.88 11.79 -1.95
C GLY A 340 -7.72 12.68 -2.29
N ARG A 341 -7.01 12.39 -3.35
CA ARG A 341 -5.85 13.19 -3.70
C ARG A 341 -6.26 14.62 -4.00
N LYS A 342 -5.54 15.57 -3.48
CA LYS A 342 -5.75 17.03 -3.70
C LYS A 342 -4.62 17.56 -4.52
N ARG A 343 -4.74 17.53 -5.81
CA ARG A 343 -3.60 17.83 -6.65
C ARG A 343 -3.22 19.27 -6.54
N VAL A 344 -1.94 19.52 -6.49
CA VAL A 344 -1.35 20.83 -6.48
C VAL A 344 -0.63 20.91 -7.83
N PHE A 345 -1.24 21.64 -8.78
CA PHE A 345 -0.63 21.75 -10.07
C PHE A 345 0.58 22.64 -10.01
N GLU A 346 1.69 22.20 -10.58
CA GLU A 346 2.88 23.03 -10.56
C GLU A 346 3.51 23.17 -11.92
N THR A 347 4.83 23.42 -11.89
CA THR A 347 5.67 23.57 -13.10
C THR A 347 6.72 22.44 -12.99
#